data_1JEV
#
_entry.id   1JEV
#
_cell.length_a   109.820
_cell.length_b   75.330
_cell.length_c   70.440
_cell.angle_alpha   90.00
_cell.angle_beta   90.00
_cell.angle_gamma   90.00
#
_symmetry.space_group_name_H-M   'P 21 21 21'
#
loop_
_entity.id
_entity.type
_entity.pdbx_description
1 polymer 'OLIGO-PEPTIDE BINDING PROTEIN'
2 polymer 'PEPTIDE LYS TRP LYS'
3 non-polymer 'URANYL (VI) ION'
4 water water
#
loop_
_entity_poly.entity_id
_entity_poly.type
_entity_poly.pdbx_seq_one_letter_code
_entity_poly.pdbx_strand_id
1 'polypeptide(L)'
;ADVPAGVQLADKQTLVRNNGSEVQSLDPHKIEGVPESNVSRDLFEGLLISDVEGHPSPGVAEKWENKDFKVWTFHLRENA
KWSDGTPVTAHDFVYSWQRLADPNTASPYASYLQYGHIANIDDIIAGKKPATDLGVKALDDHTFEVTLSEPVPYFYKLLV
HPSVSPVPKSAVEKFGDKWTQPANIVTNGAYKLKNWVVNERIVLERNPQYWDNAKTVINQVTYLPISSEVTDVNRYRSGE
IDMTYNNMPIELFQKLKKEIPNEVRVDPYLCTYYYEINNQKAPFNDVRVRTALKLALDRDIIVNKVKNQGDLPAYSYTPP
YTDGAKLVEPEWFKWSQQKRNEEAKKLLAEAGFTADKPLTFDLLYNTSDLHKKLAIAVASIWKKNLGVNVNLENQEWKTF
LDTRHQGTFDVARAGWCADYNEPTSFLNTMLSDSSNNTAHYKSPAFDKLIADTLKVADDTQRSELYAKAEQQLDKDSAIV
PVYYYVNARLVKPWVGGYTGKDPLDNIYVKNLYIIKH
;
A
2 'polypeptide(L)' KWK B
#
# COMPACT_ATOMS: atom_id res chain seq x y z
N ALA A 1 12.33 -17.70 -10.19
CA ALA A 1 12.87 -18.29 -8.94
C ALA A 1 14.29 -18.80 -9.13
N ASP A 2 15.11 -18.66 -8.10
CA ASP A 2 16.49 -19.16 -8.13
C ASP A 2 16.56 -20.29 -7.10
N VAL A 3 16.33 -21.51 -7.56
CA VAL A 3 16.33 -22.66 -6.66
C VAL A 3 17.78 -23.05 -6.33
N PRO A 4 18.11 -22.97 -5.05
CA PRO A 4 19.42 -23.30 -4.54
C PRO A 4 19.78 -24.74 -4.84
N ALA A 5 21.04 -24.97 -5.23
CA ALA A 5 21.49 -26.34 -5.53
C ALA A 5 21.32 -27.19 -4.28
N GLY A 6 20.94 -28.46 -4.49
CA GLY A 6 20.72 -29.36 -3.36
C GLY A 6 19.24 -29.49 -3.02
N VAL A 7 18.49 -28.40 -3.15
CA VAL A 7 17.07 -28.37 -2.88
C VAL A 7 16.30 -29.28 -3.83
N GLN A 8 15.52 -30.19 -3.26
CA GLN A 8 14.70 -31.08 -4.08
C GLN A 8 13.29 -30.48 -4.14
N LEU A 9 12.83 -30.30 -5.38
CA LEU A 9 11.52 -29.69 -5.61
C LEU A 9 10.39 -30.68 -5.55
N ALA A 10 9.25 -30.20 -5.04
CA ALA A 10 8.06 -31.02 -4.96
C ALA A 10 7.62 -31.31 -6.40
N ASP A 11 6.94 -32.42 -6.59
CA ASP A 11 6.45 -32.79 -7.92
C ASP A 11 5.42 -31.77 -8.38
N LYS A 12 4.50 -31.44 -7.48
CA LYS A 12 3.46 -30.46 -7.76
C LYS A 12 3.86 -29.07 -7.27
N GLN A 13 3.99 -28.16 -8.23
CA GLN A 13 4.40 -26.79 -7.93
C GLN A 13 3.19 -25.85 -7.94
N THR A 14 2.41 -25.93 -6.86
CA THR A 14 1.22 -25.11 -6.71
C THR A 14 1.29 -24.44 -5.33
N LEU A 15 0.69 -23.26 -5.25
CA LEU A 15 0.70 -22.48 -4.03
C LEU A 15 -0.66 -21.89 -3.72
N VAL A 16 -0.97 -21.80 -2.44
CA VAL A 16 -2.22 -21.19 -1.98
C VAL A 16 -1.84 -20.07 -0.99
N ARG A 17 -2.22 -18.85 -1.33
CA ARG A 17 -1.95 -17.69 -0.50
C ARG A 17 -3.25 -17.01 -0.07
N ASN A 18 -3.33 -16.61 1.21
CA ASN A 18 -4.51 -15.83 1.59
C ASN A 18 -4.18 -14.37 1.21
N ASN A 19 -5.20 -13.64 0.80
CA ASN A 19 -4.98 -12.27 0.32
C ASN A 19 -5.76 -11.21 1.06
N GLY A 20 -6.28 -11.55 2.24
CA GLY A 20 -6.96 -10.63 3.10
C GLY A 20 -8.32 -10.14 2.78
N SER A 21 -8.73 -10.10 1.53
CA SER A 21 -10.05 -9.62 1.14
C SER A 21 -10.25 -9.81 -0.36
N GLU A 22 -11.46 -9.55 -0.80
CA GLU A 22 -11.77 -9.64 -2.24
C GLU A 22 -11.16 -8.39 -2.88
N VAL A 23 -10.42 -8.55 -3.96
CA VAL A 23 -9.78 -7.38 -4.56
C VAL A 23 -10.80 -6.37 -5.08
N GLN A 24 -10.39 -5.11 -5.11
CA GLN A 24 -11.23 -4.06 -5.66
C GLN A 24 -11.42 -4.31 -7.17
N SER A 25 -10.32 -4.71 -7.80
CA SER A 25 -10.28 -4.88 -9.24
C SER A 25 -8.98 -5.56 -9.64
N LEU A 26 -8.89 -5.97 -10.90
CA LEU A 26 -7.65 -6.54 -11.43
C LEU A 26 -7.05 -5.53 -12.43
N ASP A 27 -7.74 -4.41 -12.59
CA ASP A 27 -7.24 -3.35 -13.50
C ASP A 27 -6.22 -2.52 -12.74
N PRO A 28 -4.98 -2.47 -13.17
CA PRO A 28 -3.91 -1.72 -12.52
C PRO A 28 -4.19 -0.27 -12.26
N HIS A 29 -5.10 0.35 -13.02
CA HIS A 29 -5.45 1.75 -12.84
C HIS A 29 -6.63 1.99 -11.92
N LYS A 30 -7.24 0.91 -11.42
CA LYS A 30 -8.42 1.06 -10.55
C LYS A 30 -8.17 0.53 -9.15
N ILE A 31 -6.92 0.25 -8.80
CA ILE A 31 -6.60 -0.34 -7.50
C ILE A 31 -5.78 0.59 -6.62
N GLU A 32 -5.92 0.36 -5.30
CA GLU A 32 -5.20 1.21 -4.35
C GLU A 32 -4.67 0.44 -3.15
N GLY A 33 -4.91 -0.86 -3.04
CA GLY A 33 -4.51 -1.59 -1.86
C GLY A 33 -3.50 -2.69 -2.01
N VAL A 34 -3.11 -3.26 -0.84
CA VAL A 34 -2.16 -4.36 -0.77
C VAL A 34 -2.68 -5.62 -1.41
N PRO A 35 -3.91 -6.06 -1.11
CA PRO A 35 -4.47 -7.26 -1.72
C PRO A 35 -4.48 -7.14 -3.24
N GLU A 36 -4.90 -5.97 -3.74
CA GLU A 36 -4.95 -5.72 -5.17
C GLU A 36 -3.56 -5.83 -5.79
N SER A 37 -2.58 -5.20 -5.14
CA SER A 37 -1.21 -5.20 -5.61
C SER A 37 -0.56 -6.56 -5.55
N ASN A 38 -0.93 -7.39 -4.56
CA ASN A 38 -0.39 -8.75 -4.46
C ASN A 38 -0.68 -9.53 -5.72
N VAL A 39 -1.93 -9.46 -6.19
CA VAL A 39 -2.30 -10.17 -7.42
C VAL A 39 -1.72 -9.44 -8.63
N SER A 40 -1.76 -8.12 -8.62
CA SER A 40 -1.25 -7.33 -9.74
C SER A 40 0.18 -7.66 -10.11
N ARG A 41 1.08 -7.86 -9.13
CA ARG A 41 2.47 -8.16 -9.43
C ARG A 41 2.69 -9.45 -10.17
N ASP A 42 1.80 -10.43 -10.02
CA ASP A 42 1.90 -11.69 -10.73
C ASP A 42 1.36 -11.58 -12.16
N LEU A 43 0.48 -10.62 -12.42
CA LEU A 43 -0.13 -10.48 -13.73
C LEU A 43 0.41 -9.39 -14.62
N PHE A 44 0.75 -8.22 -14.09
CA PHE A 44 1.22 -7.10 -14.90
C PHE A 44 2.60 -6.67 -14.44
N GLU A 45 3.53 -6.54 -15.38
CA GLU A 45 4.91 -6.17 -15.07
C GLU A 45 5.26 -4.82 -15.69
N GLY A 46 5.73 -3.90 -14.87
CA GLY A 46 6.10 -2.57 -15.32
C GLY A 46 7.55 -2.51 -15.78
N LEU A 47 8.08 -1.30 -15.86
CA LEU A 47 9.45 -1.07 -16.30
C LEU A 47 10.47 -1.78 -15.41
N LEU A 48 10.32 -1.62 -14.11
CA LEU A 48 11.18 -2.23 -13.11
C LEU A 48 10.31 -3.12 -12.20
N ILE A 49 10.96 -4.09 -11.55
CA ILE A 49 10.29 -4.96 -10.58
C ILE A 49 11.20 -5.01 -9.35
N SER A 50 10.69 -5.50 -8.23
CA SER A 50 11.56 -5.65 -7.06
C SER A 50 12.23 -7.02 -7.15
N ASP A 51 13.50 -7.12 -6.76
CA ASP A 51 14.12 -8.47 -6.75
C ASP A 51 13.58 -9.15 -5.49
N VAL A 52 14.06 -10.32 -5.10
CA VAL A 52 13.57 -11.03 -3.92
C VAL A 52 13.89 -10.34 -2.60
N GLU A 53 14.72 -9.31 -2.57
CA GLU A 53 15.04 -8.58 -1.37
C GLU A 53 14.50 -7.16 -1.41
N GLY A 54 13.74 -6.85 -2.46
CA GLY A 54 13.13 -5.56 -2.61
C GLY A 54 13.89 -4.52 -3.38
N HIS A 55 15.05 -4.84 -3.96
CA HIS A 55 15.78 -3.84 -4.72
C HIS A 55 15.14 -3.64 -6.10
N PRO A 56 14.96 -2.40 -6.48
CA PRO A 56 14.43 -2.04 -7.80
C PRO A 56 15.32 -2.73 -8.82
N SER A 57 14.78 -3.53 -9.71
CA SER A 57 15.55 -4.31 -10.67
C SER A 57 14.84 -4.32 -12.02
N PRO A 58 15.50 -4.78 -13.06
CA PRO A 58 14.94 -4.81 -14.40
C PRO A 58 13.64 -5.59 -14.48
N GLY A 59 12.64 -4.96 -15.09
CA GLY A 59 11.33 -5.61 -15.33
C GLY A 59 11.24 -5.69 -16.86
N VAL A 60 10.28 -4.97 -17.44
CA VAL A 60 10.21 -4.93 -18.92
C VAL A 60 11.44 -4.19 -19.43
N ALA A 61 11.89 -3.17 -18.70
CA ALA A 61 13.10 -2.42 -19.07
C ALA A 61 14.33 -3.20 -18.58
N GLU A 62 15.24 -3.52 -19.49
CA GLU A 62 16.45 -4.26 -19.11
C GLU A 62 17.56 -3.30 -18.69
N LYS A 63 17.52 -2.08 -19.20
CA LYS A 63 18.50 -1.05 -18.92
C LYS A 63 17.85 0.33 -19.00
N TRP A 64 18.38 1.30 -18.27
CA TRP A 64 17.84 2.65 -18.29
C TRP A 64 18.92 3.66 -17.90
N GLU A 65 18.72 4.90 -18.35
CA GLU A 65 19.61 5.99 -18.06
C GLU A 65 18.77 7.22 -17.69
N ASN A 66 19.44 8.18 -17.07
CA ASN A 66 18.77 9.44 -16.73
C ASN A 66 19.70 10.59 -17.11
N LYS A 67 19.07 11.69 -17.51
CA LYS A 67 19.80 12.92 -17.83
C LYS A 67 19.32 13.95 -16.80
N ASP A 68 20.19 14.30 -15.87
CA ASP A 68 19.93 15.23 -14.80
C ASP A 68 18.75 14.83 -13.91
N PHE A 69 18.44 13.54 -13.85
CA PHE A 69 17.31 13.01 -13.11
C PHE A 69 15.99 13.56 -13.62
N LYS A 70 15.93 14.13 -14.80
CA LYS A 70 14.74 14.71 -15.38
C LYS A 70 14.23 13.95 -16.60
N VAL A 71 15.14 13.41 -17.40
CA VAL A 71 14.75 12.64 -18.58
C VAL A 71 15.27 11.21 -18.38
N TRP A 72 14.33 10.31 -18.25
CA TRP A 72 14.63 8.90 -17.99
C TRP A 72 14.34 8.06 -19.21
N THR A 73 15.35 7.35 -19.68
CA THR A 73 15.21 6.54 -20.89
C THR A 73 15.30 5.06 -20.56
N PHE A 74 14.22 4.34 -20.87
CA PHE A 74 14.10 2.93 -20.58
C PHE A 74 14.20 2.08 -21.84
N HIS A 75 15.16 1.17 -21.83
CA HIS A 75 15.37 0.26 -22.94
C HIS A 75 14.66 -1.06 -22.65
N LEU A 76 13.56 -1.30 -23.35
CA LEU A 76 12.75 -2.48 -23.14
C LEU A 76 13.30 -3.71 -23.82
N ARG A 77 13.33 -4.82 -23.07
CA ARG A 77 13.86 -6.07 -23.65
C ARG A 77 13.01 -6.46 -24.85
N GLU A 78 13.64 -6.95 -25.90
CA GLU A 78 12.97 -7.33 -27.12
C GLU A 78 11.99 -8.48 -27.01
N ASN A 79 12.23 -9.40 -26.08
CA ASN A 79 11.36 -10.56 -25.93
C ASN A 79 10.25 -10.38 -24.92
N ALA A 80 10.00 -9.17 -24.47
CA ALA A 80 8.89 -8.93 -23.52
C ALA A 80 7.60 -9.16 -24.31
N LYS A 81 6.71 -10.02 -23.80
CA LYS A 81 5.48 -10.32 -24.49
C LYS A 81 4.28 -10.42 -23.54
N TRP A 82 3.12 -10.20 -24.12
CA TRP A 82 1.84 -10.33 -23.47
C TRP A 82 1.45 -11.81 -23.53
N SER A 83 0.47 -12.24 -22.75
CA SER A 83 0.05 -13.63 -22.73
C SER A 83 -0.53 -14.13 -24.03
N ASP A 84 -0.94 -13.24 -24.93
CA ASP A 84 -1.47 -13.63 -26.24
C ASP A 84 -0.36 -13.75 -27.27
N GLY A 85 0.90 -13.63 -26.86
CA GLY A 85 2.04 -13.74 -27.72
C GLY A 85 2.53 -12.48 -28.37
N THR A 86 1.80 -11.39 -28.26
CA THR A 86 2.21 -10.11 -28.88
C THR A 86 3.21 -9.40 -28.00
N PRO A 87 4.08 -8.62 -28.60
CA PRO A 87 5.12 -7.91 -27.91
C PRO A 87 4.61 -6.83 -26.97
N VAL A 88 5.38 -6.60 -25.92
CA VAL A 88 5.12 -5.50 -24.98
C VAL A 88 6.03 -4.38 -25.53
N THR A 89 5.43 -3.25 -25.90
CA THR A 89 6.24 -2.18 -26.47
C THR A 89 6.15 -0.91 -25.65
N ALA A 90 6.96 0.08 -26.05
CA ALA A 90 6.94 1.39 -25.41
C ALA A 90 5.58 2.06 -25.63
N HIS A 91 4.90 1.74 -26.73
CA HIS A 91 3.57 2.30 -27.01
C HIS A 91 2.56 1.83 -25.96
N ASP A 92 2.73 0.61 -25.45
CA ASP A 92 1.87 0.10 -24.39
C ASP A 92 2.01 0.98 -23.15
N PHE A 93 3.25 1.34 -22.84
CA PHE A 93 3.52 2.19 -21.68
C PHE A 93 2.99 3.60 -21.89
N VAL A 94 3.10 4.12 -23.12
CA VAL A 94 2.58 5.46 -23.40
C VAL A 94 1.07 5.49 -23.16
N TYR A 95 0.38 4.52 -23.76
CA TYR A 95 -1.07 4.42 -23.60
C TYR A 95 -1.44 4.30 -22.12
N SER A 96 -0.77 3.37 -21.44
CA SER A 96 -1.08 3.07 -20.04
C SER A 96 -0.89 4.24 -19.11
N TRP A 97 0.23 4.96 -19.21
CA TRP A 97 0.45 6.10 -18.33
C TRP A 97 -0.51 7.23 -18.67
N GLN A 98 -0.89 7.36 -19.96
CA GLN A 98 -1.88 8.37 -20.34
C GLN A 98 -3.24 8.03 -19.72
N ARG A 99 -3.60 6.75 -19.75
CA ARG A 99 -4.86 6.30 -19.17
C ARG A 99 -4.89 6.54 -17.66
N LEU A 100 -3.74 6.31 -16.98
CA LEU A 100 -3.63 6.56 -15.56
C LEU A 100 -3.87 8.03 -15.25
N ALA A 101 -3.29 8.92 -16.06
CA ALA A 101 -3.38 10.35 -15.88
C ALA A 101 -4.75 10.94 -16.21
N ASP A 102 -5.43 10.34 -17.17
CA ASP A 102 -6.72 10.81 -17.64
C ASP A 102 -7.76 10.83 -16.54
N PRO A 103 -8.35 11.98 -16.28
CA PRO A 103 -9.42 12.16 -15.30
C PRO A 103 -10.59 11.21 -15.53
N ASN A 104 -10.91 10.88 -16.78
CA ASN A 104 -11.96 9.96 -17.15
C ASN A 104 -11.74 8.59 -16.53
N THR A 105 -10.49 8.17 -16.33
CA THR A 105 -10.20 6.88 -15.70
C THR A 105 -10.50 6.93 -14.21
N ALA A 106 -10.44 8.11 -13.60
CA ALA A 106 -10.72 8.27 -12.18
C ALA A 106 -9.89 7.30 -11.35
N SER A 107 -8.60 7.18 -11.65
CA SER A 107 -7.77 6.26 -10.87
C SER A 107 -7.50 6.87 -9.50
N PRO A 108 -7.51 6.03 -8.47
CA PRO A 108 -7.15 6.43 -7.11
C PRO A 108 -5.66 6.74 -7.02
N TYR A 109 -4.90 6.27 -8.03
CA TYR A 109 -3.49 6.53 -8.12
C TYR A 109 -3.12 7.48 -9.24
N ALA A 110 -4.05 8.35 -9.66
CA ALA A 110 -3.75 9.37 -10.67
C ALA A 110 -2.58 10.23 -10.20
N SER A 111 -2.55 10.53 -8.91
CA SER A 111 -1.50 11.32 -8.30
C SER A 111 -0.14 10.65 -8.26
N TYR A 112 0.00 9.37 -8.58
CA TYR A 112 1.30 8.71 -8.65
C TYR A 112 2.19 9.41 -9.68
N LEU A 113 1.58 9.91 -10.76
CA LEU A 113 2.33 10.64 -11.78
C LEU A 113 2.71 12.02 -11.28
N GLN A 114 2.03 12.57 -10.28
CA GLN A 114 2.40 13.83 -9.65
C GLN A 114 3.59 13.58 -8.71
N TYR A 115 3.57 12.44 -8.01
CA TYR A 115 4.65 12.07 -7.10
C TYR A 115 5.97 11.95 -7.87
N GLY A 116 5.90 11.47 -9.10
CA GLY A 116 7.05 11.32 -9.97
C GLY A 116 7.32 12.57 -10.80
N HIS A 117 6.40 13.53 -10.79
CA HIS A 117 6.50 14.78 -11.49
C HIS A 117 6.62 14.66 -12.99
N ILE A 118 5.88 13.72 -13.58
CA ILE A 118 5.90 13.58 -15.04
C ILE A 118 5.37 14.90 -15.60
N ALA A 119 6.00 15.41 -16.65
CA ALA A 119 5.61 16.69 -17.23
C ALA A 119 4.14 16.75 -17.60
N ASN A 120 3.51 17.89 -17.29
CA ASN A 120 2.14 18.21 -17.57
C ASN A 120 1.08 17.48 -16.79
N ILE A 121 1.43 16.69 -15.79
CA ILE A 121 0.44 15.94 -15.05
C ILE A 121 -0.61 16.77 -14.35
N ASP A 122 -0.24 17.87 -13.71
CA ASP A 122 -1.20 18.71 -12.99
C ASP A 122 -2.30 19.22 -13.90
N ASP A 123 -1.92 19.72 -15.08
CA ASP A 123 -2.89 20.23 -16.04
C ASP A 123 -3.78 19.12 -16.59
N ILE A 124 -3.21 17.93 -16.80
CA ILE A 124 -4.00 16.80 -17.31
C ILE A 124 -5.05 16.40 -16.28
N ILE A 125 -4.62 16.29 -15.00
CA ILE A 125 -5.56 15.93 -13.93
C ILE A 125 -6.67 16.95 -13.79
N ALA A 126 -6.35 18.23 -13.96
CA ALA A 126 -7.31 19.32 -13.87
C ALA A 126 -8.19 19.48 -15.09
N GLY A 127 -7.97 18.75 -16.17
CA GLY A 127 -8.75 18.81 -17.38
C GLY A 127 -8.38 19.97 -18.29
N LYS A 128 -7.26 20.62 -18.02
CA LYS A 128 -6.79 21.76 -18.79
C LYS A 128 -6.03 21.32 -20.03
N LYS A 129 -5.39 20.16 -19.97
CA LYS A 129 -4.65 19.60 -21.09
C LYS A 129 -5.11 18.15 -21.28
N PRO A 130 -5.04 17.68 -22.50
CA PRO A 130 -5.39 16.31 -22.85
C PRO A 130 -4.34 15.36 -22.27
N ALA A 131 -4.71 14.12 -21.98
CA ALA A 131 -3.77 13.14 -21.43
C ALA A 131 -2.62 12.83 -22.37
N THR A 132 -2.81 13.07 -23.67
CA THR A 132 -1.80 12.89 -24.69
C THR A 132 -0.67 13.90 -24.57
N ASP A 133 -0.82 14.91 -23.73
CA ASP A 133 0.19 15.90 -23.45
C ASP A 133 1.15 15.41 -22.36
N LEU A 134 0.86 14.25 -21.78
CA LEU A 134 1.71 13.72 -20.72
C LEU A 134 3.15 13.57 -21.21
N GLY A 135 4.11 13.86 -20.33
CA GLY A 135 5.51 13.78 -20.63
C GLY A 135 6.12 12.41 -20.80
N VAL A 136 5.54 11.55 -21.62
CA VAL A 136 6.00 10.24 -21.94
C VAL A 136 5.95 10.05 -23.47
N LYS A 137 6.91 9.30 -24.00
CA LYS A 137 6.89 9.03 -25.43
C LYS A 137 7.63 7.74 -25.73
N ALA A 138 7.24 7.12 -26.83
CA ALA A 138 7.90 5.92 -27.32
C ALA A 138 8.89 6.41 -28.39
N LEU A 139 10.19 6.27 -28.15
CA LEU A 139 11.17 6.71 -29.16
C LEU A 139 11.24 5.68 -30.29
N ASP A 140 10.87 4.46 -29.98
CA ASP A 140 10.74 3.34 -30.88
C ASP A 140 9.93 2.26 -30.13
N ASP A 141 9.71 1.10 -30.71
CA ASP A 141 8.94 0.06 -30.03
C ASP A 141 9.58 -0.39 -28.73
N HIS A 142 10.89 -0.29 -28.57
CA HIS A 142 11.54 -0.76 -27.34
C HIS A 142 12.20 0.32 -26.52
N THR A 143 11.81 1.58 -26.69
CA THR A 143 12.42 2.66 -25.92
C THR A 143 11.35 3.61 -25.40
N PHE A 144 11.23 3.68 -24.09
CA PHE A 144 10.24 4.53 -23.43
C PHE A 144 10.97 5.67 -22.73
N GLU A 145 10.65 6.91 -23.09
CA GLU A 145 11.29 8.08 -22.52
C GLU A 145 10.29 8.89 -21.69
N VAL A 146 10.65 9.15 -20.45
CA VAL A 146 9.82 9.90 -19.52
C VAL A 146 10.50 11.23 -19.19
N THR A 147 9.75 12.32 -19.31
CA THR A 147 10.28 13.64 -19.03
C THR A 147 9.57 14.22 -17.79
N LEU A 148 10.37 14.54 -16.78
CA LEU A 148 9.84 15.10 -15.55
C LEU A 148 9.98 16.62 -15.57
N SER A 149 9.21 17.30 -14.73
CA SER A 149 9.24 18.75 -14.65
C SER A 149 10.34 19.26 -13.73
N GLU A 150 10.99 18.38 -13.00
CA GLU A 150 12.10 18.71 -12.11
C GLU A 150 12.85 17.42 -11.79
N PRO A 151 14.08 17.55 -11.34
CA PRO A 151 14.94 16.44 -11.02
C PRO A 151 14.35 15.62 -9.87
N VAL A 152 14.24 14.31 -10.08
CA VAL A 152 13.73 13.38 -9.08
C VAL A 152 14.71 12.20 -9.06
N PRO A 153 15.72 12.28 -8.20
CA PRO A 153 16.76 11.29 -8.10
C PRO A 153 16.28 9.88 -7.83
N TYR A 154 15.20 9.73 -7.07
CA TYR A 154 14.63 8.44 -6.73
C TYR A 154 13.51 8.02 -7.66
N PHE A 155 13.33 8.70 -8.80
CA PHE A 155 12.26 8.39 -9.72
C PHE A 155 12.11 6.92 -10.03
N TYR A 156 13.17 6.23 -10.41
CA TYR A 156 13.11 4.81 -10.76
C TYR A 156 12.53 3.93 -9.68
N LYS A 157 12.70 4.26 -8.41
CA LYS A 157 12.13 3.48 -7.31
C LYS A 157 10.62 3.39 -7.36
N LEU A 158 9.94 4.41 -7.90
CA LEU A 158 8.51 4.44 -8.01
C LEU A 158 7.95 3.41 -8.99
N LEU A 159 8.74 3.02 -9.97
CA LEU A 159 8.33 2.21 -11.07
C LEU A 159 7.94 0.78 -10.84
N VAL A 160 8.10 0.25 -9.64
CA VAL A 160 7.69 -1.13 -9.33
C VAL A 160 6.22 -1.24 -8.96
N HIS A 161 5.54 -0.14 -8.80
CA HIS A 161 4.14 -0.06 -8.40
C HIS A 161 3.15 -0.40 -9.47
N PRO A 162 2.03 -1.03 -9.13
CA PRO A 162 1.01 -1.45 -10.07
C PRO A 162 0.43 -0.37 -10.94
N SER A 163 0.27 0.85 -10.47
CA SER A 163 -0.32 1.93 -11.25
C SER A 163 0.44 2.26 -12.52
N VAL A 164 1.75 2.03 -12.55
CA VAL A 164 2.58 2.30 -13.70
C VAL A 164 2.92 1.05 -14.50
N SER A 165 2.15 -0.02 -14.31
CA SER A 165 2.27 -1.24 -15.10
C SER A 165 1.45 -1.01 -16.39
N PRO A 166 1.74 -1.74 -17.43
CA PRO A 166 1.05 -1.61 -18.70
C PRO A 166 -0.26 -2.35 -18.71
N VAL A 167 -1.24 -1.85 -19.45
CA VAL A 167 -2.52 -2.50 -19.62
C VAL A 167 -2.73 -2.63 -21.14
N PRO A 168 -3.38 -3.68 -21.57
CA PRO A 168 -3.62 -3.98 -22.98
C PRO A 168 -4.72 -3.12 -23.57
N LYS A 169 -4.35 -2.11 -24.36
CA LYS A 169 -5.33 -1.21 -24.96
C LYS A 169 -6.45 -1.93 -25.69
N SER A 170 -6.11 -2.89 -26.53
CA SER A 170 -7.08 -3.66 -27.29
C SER A 170 -8.18 -4.25 -26.43
N ALA A 171 -7.80 -4.96 -25.35
CA ALA A 171 -8.78 -5.57 -24.46
C ALA A 171 -9.58 -4.50 -23.72
N VAL A 172 -8.92 -3.46 -23.23
CA VAL A 172 -9.63 -2.40 -22.50
C VAL A 172 -10.69 -1.78 -23.39
N GLU A 173 -10.32 -1.42 -24.61
CA GLU A 173 -11.26 -0.81 -25.55
C GLU A 173 -12.38 -1.72 -25.99
N LYS A 174 -12.09 -2.97 -26.28
CA LYS A 174 -13.11 -3.92 -26.71
C LYS A 174 -14.07 -4.34 -25.62
N PHE A 175 -13.56 -4.66 -24.43
CA PHE A 175 -14.43 -5.17 -23.37
C PHE A 175 -14.77 -4.21 -22.26
N GLY A 176 -14.17 -3.03 -22.21
CA GLY A 176 -14.49 -2.07 -21.15
C GLY A 176 -14.12 -2.65 -19.79
N ASP A 177 -14.98 -2.48 -18.79
CA ASP A 177 -14.70 -3.00 -17.45
C ASP A 177 -14.70 -4.50 -17.32
N LYS A 178 -15.13 -5.27 -18.32
CA LYS A 178 -15.05 -6.70 -18.30
C LYS A 178 -13.76 -7.20 -18.97
N TRP A 179 -12.82 -6.29 -19.25
CA TRP A 179 -11.55 -6.65 -19.87
C TRP A 179 -10.72 -7.57 -18.98
N THR A 180 -10.90 -7.50 -17.67
CA THR A 180 -10.18 -8.32 -16.71
C THR A 180 -10.79 -9.69 -16.49
N GLN A 181 -11.91 -10.02 -17.13
CA GLN A 181 -12.48 -11.36 -17.00
C GLN A 181 -11.51 -12.35 -17.63
N PRO A 182 -11.44 -13.55 -17.13
CA PRO A 182 -10.56 -14.59 -17.62
C PRO A 182 -10.55 -14.76 -19.12
N ALA A 183 -11.70 -14.72 -19.79
CA ALA A 183 -11.77 -14.91 -21.23
C ALA A 183 -11.27 -13.70 -22.01
N ASN A 184 -11.22 -12.52 -21.42
CA ASN A 184 -10.84 -11.31 -22.11
C ASN A 184 -9.46 -10.75 -21.78
N ILE A 185 -9.02 -10.98 -20.55
CA ILE A 185 -7.77 -10.42 -20.07
C ILE A 185 -6.53 -10.87 -20.80
N VAL A 186 -5.54 -9.97 -20.89
CA VAL A 186 -4.24 -10.21 -21.50
C VAL A 186 -3.22 -9.69 -20.47
N THR A 187 -2.24 -10.49 -20.09
CA THR A 187 -1.28 -10.09 -19.05
C THR A 187 0.17 -10.25 -19.47
N ASN A 188 1.10 -9.50 -18.86
CA ASN A 188 2.50 -9.62 -19.26
C ASN A 188 3.43 -10.02 -18.11
N GLY A 189 2.84 -10.37 -16.97
CA GLY A 189 3.66 -10.82 -15.83
C GLY A 189 3.91 -12.31 -15.98
N ALA A 190 4.44 -12.94 -14.92
CA ALA A 190 4.74 -14.36 -14.98
C ALA A 190 3.53 -15.26 -15.01
N TYR A 191 2.35 -14.75 -14.65
CA TYR A 191 1.12 -15.50 -14.61
C TYR A 191 0.00 -14.92 -15.45
N LYS A 192 -1.01 -15.72 -15.68
CA LYS A 192 -2.20 -15.40 -16.43
C LYS A 192 -3.41 -15.70 -15.51
N LEU A 193 -4.52 -15.04 -15.76
CA LEU A 193 -5.71 -15.30 -14.94
C LEU A 193 -6.42 -16.54 -15.47
N LYS A 194 -6.66 -17.51 -14.60
CA LYS A 194 -7.37 -18.73 -15.00
C LYS A 194 -8.83 -18.65 -14.55
N ASN A 195 -9.05 -18.43 -13.24
CA ASN A 195 -10.36 -18.35 -12.66
C ASN A 195 -10.46 -17.17 -11.68
N TRP A 196 -11.67 -16.61 -11.59
CA TRP A 196 -11.95 -15.53 -10.65
C TRP A 196 -13.38 -15.70 -10.13
N VAL A 197 -13.46 -16.29 -8.93
CA VAL A 197 -14.74 -16.50 -8.26
C VAL A 197 -14.81 -15.48 -7.11
N VAL A 198 -15.61 -14.45 -7.30
CA VAL A 198 -15.73 -13.38 -6.32
C VAL A 198 -16.06 -13.92 -4.94
N ASN A 199 -15.25 -13.56 -3.96
CA ASN A 199 -15.39 -13.98 -2.59
C ASN A 199 -15.12 -15.46 -2.38
N GLU A 200 -14.40 -16.09 -3.30
CA GLU A 200 -14.02 -17.49 -3.15
C GLU A 200 -12.54 -17.66 -3.45
N ARG A 201 -12.15 -17.32 -4.70
CA ARG A 201 -10.75 -17.48 -5.05
C ARG A 201 -10.42 -16.86 -6.40
N ILE A 202 -9.13 -16.56 -6.53
CA ILE A 202 -8.52 -16.09 -7.76
C ILE A 202 -7.45 -17.15 -8.07
N VAL A 203 -7.53 -17.78 -9.24
CA VAL A 203 -6.53 -18.78 -9.59
C VAL A 203 -5.73 -18.30 -10.80
N LEU A 204 -4.41 -18.23 -10.63
CA LEU A 204 -3.51 -17.80 -11.68
C LEU A 204 -2.68 -19.00 -12.17
N GLU A 205 -2.38 -18.99 -13.45
CA GLU A 205 -1.57 -20.08 -14.02
C GLU A 205 -0.38 -19.47 -14.74
N ARG A 206 0.70 -20.23 -14.81
CA ARG A 206 1.92 -19.73 -15.45
C ARG A 206 1.63 -19.18 -16.84
N ASN A 207 2.28 -18.06 -17.15
CA ASN A 207 2.17 -17.42 -18.47
C ASN A 207 3.43 -17.84 -19.25
N PRO A 208 3.26 -18.71 -20.22
CA PRO A 208 4.35 -19.24 -21.03
C PRO A 208 5.01 -18.19 -21.91
N GLN A 209 4.35 -17.08 -22.17
CA GLN A 209 4.88 -16.00 -22.97
C GLN A 209 5.74 -15.05 -22.15
N TYR A 210 5.70 -15.17 -20.83
CA TYR A 210 6.50 -14.29 -19.98
C TYR A 210 7.97 -14.44 -20.40
N TRP A 211 8.66 -13.32 -20.61
CA TRP A 211 10.05 -13.34 -21.03
C TRP A 211 10.94 -14.20 -20.13
N ASP A 212 10.73 -14.18 -18.82
CA ASP A 212 11.53 -14.94 -17.88
C ASP A 212 10.84 -16.22 -17.42
N ASN A 213 9.93 -16.75 -18.24
CA ASN A 213 9.19 -17.95 -17.96
C ASN A 213 10.04 -19.14 -17.58
N ALA A 214 11.22 -19.32 -18.17
CA ALA A 214 12.08 -20.44 -17.85
C ALA A 214 12.49 -20.47 -16.38
N LYS A 215 12.55 -19.33 -15.69
CA LYS A 215 12.90 -19.31 -14.27
C LYS A 215 11.70 -19.44 -13.36
N THR A 216 10.48 -19.36 -13.89
CA THR A 216 9.26 -19.54 -13.09
C THR A 216 9.11 -21.01 -12.68
N VAL A 217 8.86 -21.25 -11.40
CA VAL A 217 8.72 -22.61 -10.89
C VAL A 217 7.28 -22.96 -10.55
N ILE A 218 6.58 -22.10 -9.82
CA ILE A 218 5.17 -22.32 -9.45
C ILE A 218 4.29 -22.27 -10.69
N ASN A 219 3.54 -23.34 -10.94
CA ASN A 219 2.68 -23.43 -12.10
C ASN A 219 1.31 -22.82 -11.89
N GLN A 220 0.86 -22.82 -10.63
CA GLN A 220 -0.45 -22.28 -10.28
C GLN A 220 -0.42 -21.71 -8.87
N VAL A 221 -1.03 -20.54 -8.74
CA VAL A 221 -1.15 -19.92 -7.42
C VAL A 221 -2.61 -19.49 -7.25
N THR A 222 -3.14 -19.79 -6.08
CA THR A 222 -4.51 -19.40 -5.73
C THR A 222 -4.44 -18.32 -4.66
N TYR A 223 -5.21 -17.26 -4.85
CA TYR A 223 -5.30 -16.16 -3.90
C TYR A 223 -6.69 -16.22 -3.27
N LEU A 224 -6.75 -16.32 -1.95
CA LEU A 224 -8.03 -16.38 -1.25
C LEU A 224 -8.38 -15.02 -0.65
N PRO A 225 -9.65 -14.74 -0.47
CA PRO A 225 -10.16 -13.48 0.03
C PRO A 225 -10.63 -13.50 1.48
N ILE A 226 -9.95 -14.25 2.33
CA ILE A 226 -10.38 -14.40 3.73
C ILE A 226 -9.96 -13.22 4.60
N SER A 227 -10.93 -12.48 5.12
CA SER A 227 -10.64 -11.30 5.93
C SER A 227 -10.46 -11.63 7.41
N SER A 228 -10.92 -12.81 7.82
CA SER A 228 -10.75 -13.25 9.20
C SER A 228 -9.35 -13.84 9.35
N GLU A 229 -8.50 -13.19 10.13
CA GLU A 229 -7.15 -13.67 10.38
C GLU A 229 -7.17 -15.01 11.13
N VAL A 230 -8.15 -15.20 12.00
CA VAL A 230 -8.28 -16.47 12.71
C VAL A 230 -8.55 -17.58 11.71
N THR A 231 -9.49 -17.33 10.78
CA THR A 231 -9.83 -18.33 9.75
C THR A 231 -8.66 -18.60 8.84
N ASP A 232 -7.90 -17.56 8.49
CA ASP A 232 -6.72 -17.72 7.65
C ASP A 232 -5.74 -18.67 8.33
N VAL A 233 -5.42 -18.41 9.60
CA VAL A 233 -4.53 -19.31 10.36
C VAL A 233 -5.10 -20.72 10.45
N ASN A 234 -6.41 -20.86 10.67
CA ASN A 234 -7.01 -22.19 10.74
C ASN A 234 -6.84 -22.97 9.46
N ARG A 235 -7.09 -22.33 8.32
CA ARG A 235 -6.96 -22.99 7.02
C ARG A 235 -5.52 -23.21 6.61
N TYR A 236 -4.63 -22.44 7.21
CA TYR A 236 -3.19 -22.65 7.00
C TYR A 236 -2.83 -23.93 7.78
N ARG A 237 -3.24 -23.99 9.05
CA ARG A 237 -2.92 -25.14 9.89
C ARG A 237 -3.62 -26.41 9.49
N SER A 238 -4.75 -26.33 8.82
CA SER A 238 -5.43 -27.53 8.33
C SER A 238 -4.71 -28.07 7.09
N GLY A 239 -3.84 -27.26 6.46
CA GLY A 239 -3.10 -27.66 5.29
C GLY A 239 -3.52 -27.01 3.99
N GLU A 240 -4.66 -26.33 3.98
CA GLU A 240 -5.15 -25.71 2.75
C GLU A 240 -4.31 -24.53 2.26
N ILE A 241 -3.87 -23.69 3.20
CA ILE A 241 -3.12 -22.49 2.85
C ILE A 241 -1.64 -22.64 3.11
N ASP A 242 -0.81 -22.24 2.15
CA ASP A 242 0.64 -22.32 2.26
C ASP A 242 1.26 -21.07 2.86
N MET A 243 0.62 -19.93 2.63
CA MET A 243 1.10 -18.65 3.12
C MET A 243 -0.11 -17.81 3.58
N THR A 244 -0.17 -17.44 4.85
CA THR A 244 -1.28 -16.62 5.29
C THR A 244 -1.09 -15.19 4.76
N TYR A 245 -2.15 -14.41 4.93
CA TYR A 245 -2.07 -12.98 4.62
C TYR A 245 -1.23 -12.40 5.76
N ASN A 246 -0.72 -11.20 5.65
CA ASN A 246 0.11 -10.66 6.72
C ASN A 246 -0.61 -9.62 7.57
N ASN A 247 -1.63 -10.09 8.24
CA ASN A 247 -2.46 -9.46 9.24
C ASN A 247 -2.63 -10.62 10.27
N MET A 248 -2.14 -10.47 11.48
CA MET A 248 -2.22 -11.62 12.41
C MET A 248 -3.31 -11.48 13.46
N PRO A 249 -3.99 -12.59 13.72
CA PRO A 249 -5.07 -12.70 14.67
C PRO A 249 -4.60 -12.58 16.11
N ILE A 250 -5.23 -11.66 16.84
CA ILE A 250 -4.91 -11.45 18.25
C ILE A 250 -5.20 -12.72 19.04
N GLU A 251 -6.27 -13.41 18.70
CA GLU A 251 -6.72 -14.64 19.29
C GLU A 251 -5.68 -15.76 19.30
N LEU A 252 -5.05 -16.03 18.16
CA LEU A 252 -4.10 -17.11 18.04
C LEU A 252 -2.62 -16.79 17.94
N PHE A 253 -2.20 -15.55 17.77
CA PHE A 253 -0.79 -15.22 17.60
C PHE A 253 0.17 -15.65 18.67
N GLN A 254 -0.16 -15.52 19.96
CA GLN A 254 0.80 -15.95 21.00
C GLN A 254 0.99 -17.47 20.86
N LYS A 255 -0.13 -18.17 20.75
CA LYS A 255 -0.17 -19.61 20.54
C LYS A 255 0.84 -20.01 19.46
N LEU A 256 0.71 -19.45 18.27
CA LEU A 256 1.55 -19.72 17.14
C LEU A 256 3.03 -19.53 17.32
N LYS A 257 3.49 -18.44 17.94
CA LYS A 257 4.93 -18.23 18.11
C LYS A 257 5.56 -19.37 18.90
N LYS A 258 4.83 -19.90 19.87
CA LYS A 258 5.30 -21.02 20.67
C LYS A 258 5.07 -22.34 19.94
N GLU A 259 3.90 -22.52 19.35
CA GLU A 259 3.57 -23.77 18.67
C GLU A 259 4.32 -24.03 17.40
N ILE A 260 4.47 -23.06 16.51
CA ILE A 260 5.20 -23.25 15.25
C ILE A 260 6.16 -22.10 14.96
N PRO A 261 7.21 -21.97 15.74
CA PRO A 261 8.20 -20.92 15.66
C PRO A 261 8.87 -20.74 14.32
N ASN A 262 9.25 -21.81 13.63
CA ASN A 262 9.92 -21.73 12.35
C ASN A 262 9.00 -21.35 11.20
N GLU A 263 7.69 -21.34 11.42
CA GLU A 263 6.75 -20.98 10.36
C GLU A 263 6.27 -19.55 10.51
N VAL A 264 6.56 -18.95 11.66
CA VAL A 264 6.14 -17.57 11.92
C VAL A 264 7.22 -16.57 11.50
N ARG A 265 6.98 -15.93 10.35
CA ARG A 265 7.90 -14.93 9.82
C ARG A 265 7.52 -13.55 10.32
N VAL A 266 8.49 -12.83 10.89
CA VAL A 266 8.27 -11.48 11.41
C VAL A 266 9.42 -10.61 10.91
N ASP A 267 9.14 -9.67 10.00
CA ASP A 267 10.18 -8.83 9.43
C ASP A 267 9.72 -7.38 9.36
N PRO A 268 10.66 -6.47 9.20
CA PRO A 268 10.39 -5.05 9.09
C PRO A 268 9.42 -4.77 7.94
N TYR A 269 8.56 -3.81 8.16
CA TYR A 269 7.52 -3.46 7.17
C TYR A 269 7.28 -1.97 7.19
N LEU A 270 7.31 -1.32 6.03
CA LEU A 270 7.11 0.13 5.97
C LEU A 270 5.65 0.51 5.86
N CYS A 271 4.90 0.25 6.93
CA CYS A 271 3.48 0.57 7.00
C CYS A 271 3.15 1.16 8.37
N THR A 272 2.19 2.05 8.40
CA THR A 272 1.78 2.68 9.65
C THR A 272 0.28 2.44 9.87
N TYR A 273 -0.05 1.95 11.05
CA TYR A 273 -1.42 1.71 11.46
C TYR A 273 -1.88 3.00 12.18
N TYR A 274 -3.00 3.56 11.76
CA TYR A 274 -3.47 4.78 12.40
C TYR A 274 -4.99 4.92 12.28
N TYR A 275 -5.52 5.88 13.03
CA TYR A 275 -6.94 6.18 12.90
C TYR A 275 -7.00 7.49 12.10
N GLU A 276 -7.57 7.33 10.92
CA GLU A 276 -7.72 8.44 9.99
C GLU A 276 -8.94 9.28 10.39
N ILE A 277 -8.71 10.57 10.53
CA ILE A 277 -9.77 11.51 10.88
C ILE A 277 -10.23 12.21 9.60
N ASN A 278 -11.53 12.35 9.42
CA ASN A 278 -12.04 13.08 8.23
C ASN A 278 -11.87 14.55 8.61
N ASN A 279 -10.80 15.17 8.14
CA ASN A 279 -10.47 16.54 8.50
C ASN A 279 -11.41 17.61 8.02
N GLN A 280 -12.23 17.34 7.00
CA GLN A 280 -13.13 18.37 6.49
C GLN A 280 -14.53 18.30 7.06
N LYS A 281 -14.76 17.46 8.06
CA LYS A 281 -16.07 17.30 8.64
C LYS A 281 -16.15 17.66 10.12
N ALA A 282 -17.00 18.64 10.43
CA ALA A 282 -17.20 19.03 11.84
C ALA A 282 -17.77 17.81 12.56
N PRO A 283 -17.36 17.62 13.79
CA PRO A 283 -16.47 18.48 14.54
C PRO A 283 -15.00 18.16 14.40
N PHE A 284 -14.65 17.29 13.44
CA PHE A 284 -13.28 16.87 13.24
C PHE A 284 -12.43 17.88 12.53
N ASN A 285 -13.00 19.02 12.14
CA ASN A 285 -12.27 20.10 11.53
C ASN A 285 -11.71 21.04 12.61
N ASP A 286 -11.95 20.70 13.87
CA ASP A 286 -11.44 21.43 15.01
C ASP A 286 -10.17 20.71 15.49
N VAL A 287 -9.02 21.33 15.37
CA VAL A 287 -7.76 20.71 15.81
C VAL A 287 -7.76 20.25 17.24
N ARG A 288 -8.49 20.89 18.15
CA ARG A 288 -8.57 20.48 19.54
C ARG A 288 -9.22 19.11 19.68
N VAL A 289 -10.22 18.83 18.86
CA VAL A 289 -10.89 17.53 18.88
C VAL A 289 -9.93 16.44 18.38
N ARG A 290 -9.26 16.76 17.26
CA ARG A 290 -8.30 15.83 16.68
C ARG A 290 -7.15 15.54 17.64
N THR A 291 -6.60 16.58 18.26
CA THR A 291 -5.51 16.41 19.22
C THR A 291 -5.95 15.62 20.44
N ALA A 292 -7.17 15.83 20.93
CA ALA A 292 -7.67 15.08 22.09
C ALA A 292 -7.70 13.59 21.79
N LEU A 293 -8.21 13.24 20.61
CA LEU A 293 -8.27 11.85 20.17
C LEU A 293 -6.88 11.25 20.04
N LYS A 294 -5.95 12.00 19.46
CA LYS A 294 -4.59 11.56 19.26
C LYS A 294 -3.90 11.29 20.59
N LEU A 295 -4.05 12.22 21.55
CA LEU A 295 -3.41 12.06 22.86
C LEU A 295 -4.07 11.06 23.78
N ALA A 296 -5.41 10.98 23.80
CA ALA A 296 -6.11 10.07 24.71
C ALA A 296 -5.97 8.60 24.36
N LEU A 297 -5.58 8.30 23.12
CA LEU A 297 -5.37 6.89 22.75
C LEU A 297 -4.10 6.39 23.45
N ASP A 298 -4.19 5.27 24.15
CA ASP A 298 -3.03 4.71 24.86
C ASP A 298 -2.33 3.67 24.01
N ARG A 299 -1.23 4.07 23.35
CA ARG A 299 -0.50 3.18 22.48
C ARG A 299 0.15 2.01 23.19
N ASP A 300 0.63 2.23 24.41
CA ASP A 300 1.22 1.16 25.19
C ASP A 300 0.22 0.02 25.39
N ILE A 301 -0.99 0.37 25.81
CA ILE A 301 -2.01 -0.65 26.02
C ILE A 301 -2.28 -1.41 24.73
N ILE A 302 -2.65 -0.70 23.68
CA ILE A 302 -2.96 -1.36 22.40
C ILE A 302 -1.81 -2.18 21.87
N VAL A 303 -0.70 -1.52 21.60
CA VAL A 303 0.48 -2.13 21.03
C VAL A 303 1.11 -3.23 21.87
N ASN A 304 1.38 -2.96 23.15
CA ASN A 304 2.06 -3.92 24.00
C ASN A 304 1.18 -4.77 24.88
N LYS A 305 -0.06 -4.41 25.16
CA LYS A 305 -0.91 -5.24 26.01
C LYS A 305 -1.98 -5.96 25.18
N VAL A 306 -2.74 -5.17 24.42
CA VAL A 306 -3.83 -5.66 23.59
C VAL A 306 -3.38 -6.44 22.37
N LYS A 307 -2.46 -5.92 21.56
CA LYS A 307 -2.02 -6.61 20.36
C LYS A 307 -0.75 -7.43 20.57
N ASN A 308 0.34 -6.77 20.94
CA ASN A 308 1.60 -7.43 21.21
C ASN A 308 2.03 -8.43 20.15
N GLN A 309 2.21 -7.98 18.91
CA GLN A 309 2.65 -8.88 17.83
C GLN A 309 4.02 -8.47 17.32
N GLY A 310 4.63 -7.52 18.04
CA GLY A 310 5.95 -7.01 17.74
C GLY A 310 5.96 -5.57 17.22
N ASP A 311 4.83 -4.89 17.29
CA ASP A 311 4.69 -3.53 16.81
C ASP A 311 5.27 -2.48 17.75
N LEU A 312 5.58 -1.31 17.17
CA LEU A 312 6.11 -0.19 17.93
C LEU A 312 5.11 0.96 17.91
N PRO A 313 4.86 1.55 19.04
CA PRO A 313 3.96 2.68 19.18
C PRO A 313 4.41 3.80 18.22
N ALA A 314 3.45 4.37 17.50
CA ALA A 314 3.75 5.39 16.51
C ALA A 314 3.43 6.80 16.95
N TYR A 315 4.22 7.75 16.43
CA TYR A 315 4.04 9.16 16.73
C TYR A 315 4.07 9.98 15.45
N SER A 316 4.17 9.29 14.31
CA SER A 316 4.25 9.93 13.01
C SER A 316 3.47 9.12 11.97
N TYR A 317 3.44 9.65 10.75
CA TYR A 317 2.78 8.96 9.63
C TYR A 317 3.86 8.13 8.94
N THR A 318 4.89 8.79 8.41
CA THR A 318 6.02 8.08 7.81
C THR A 318 6.71 7.25 8.89
N PRO A 319 6.92 5.99 8.65
CA PRO A 319 7.65 5.13 9.59
C PRO A 319 9.05 5.71 9.71
N PRO A 320 9.58 5.83 10.93
CA PRO A 320 10.87 6.40 11.22
C PRO A 320 12.04 5.67 10.59
N TYR A 321 11.87 4.44 10.15
CA TYR A 321 12.91 3.64 9.54
C TYR A 321 12.84 3.65 8.01
N THR A 322 11.97 4.51 7.48
CA THR A 322 11.88 4.68 6.02
C THR A 322 13.24 5.24 5.59
N ASP A 323 13.70 4.84 4.42
CA ASP A 323 14.99 5.36 3.93
C ASP A 323 14.86 6.87 3.71
N GLY A 324 15.59 7.66 4.50
CA GLY A 324 15.54 9.11 4.36
C GLY A 324 14.79 9.77 5.50
N ALA A 325 14.23 8.94 6.39
CA ALA A 325 13.48 9.48 7.53
C ALA A 325 14.40 9.75 8.72
N LYS A 326 14.39 10.98 9.16
CA LYS A 326 15.16 11.45 10.32
C LYS A 326 14.17 12.31 11.12
N LEU A 327 13.16 11.64 11.67
CA LEU A 327 12.07 12.31 12.34
C LEU A 327 12.29 12.76 13.77
N VAL A 328 11.61 13.86 14.11
CA VAL A 328 11.69 14.41 15.47
C VAL A 328 10.52 13.86 16.28
N GLU A 329 10.81 13.08 17.29
CA GLU A 329 9.75 12.51 18.15
C GLU A 329 9.15 13.65 18.96
N PRO A 330 7.85 13.82 18.89
CA PRO A 330 7.13 14.88 19.57
C PRO A 330 7.11 14.72 21.07
N GLU A 331 7.07 15.84 21.80
CA GLU A 331 7.05 15.80 23.26
C GLU A 331 5.89 15.02 23.83
N TRP A 332 4.68 15.15 23.27
CA TRP A 332 3.52 14.44 23.76
C TRP A 332 3.73 12.94 23.83
N PHE A 333 4.50 12.36 22.93
CA PHE A 333 4.77 10.93 22.88
C PHE A 333 5.62 10.48 24.06
N LYS A 334 6.46 11.36 24.59
CA LYS A 334 7.32 11.07 25.72
C LYS A 334 6.61 11.17 27.05
N TRP A 335 5.52 11.93 27.12
CA TRP A 335 4.77 12.09 28.34
C TRP A 335 4.19 10.75 28.84
N SER A 336 3.67 10.83 30.07
CA SER A 336 2.98 9.68 30.65
C SER A 336 1.57 9.71 30.03
N GLN A 337 0.86 8.60 30.05
CA GLN A 337 -0.49 8.60 29.49
C GLN A 337 -1.42 9.50 30.29
N GLN A 338 -1.23 9.57 31.61
CA GLN A 338 -2.07 10.42 32.44
C GLN A 338 -1.92 11.88 32.03
N LYS A 339 -0.70 12.31 31.70
CA LYS A 339 -0.51 13.69 31.25
C LYS A 339 -1.20 13.90 29.90
N ARG A 340 -1.09 12.90 29.01
CA ARG A 340 -1.76 12.97 27.72
C ARG A 340 -3.27 13.06 27.91
N ASN A 341 -3.82 12.23 28.79
CA ASN A 341 -5.26 12.24 29.05
C ASN A 341 -5.73 13.59 29.56
N GLU A 342 -5.01 14.14 30.53
CA GLU A 342 -5.36 15.44 31.11
C GLU A 342 -5.46 16.49 30.03
N GLU A 343 -4.44 16.57 29.17
CA GLU A 343 -4.43 17.53 28.08
C GLU A 343 -5.56 17.29 27.09
N ALA A 344 -5.83 16.02 26.79
CA ALA A 344 -6.91 15.66 25.87
C ALA A 344 -8.25 16.13 26.41
N LYS A 345 -8.50 15.85 27.69
CA LYS A 345 -9.73 16.24 28.35
C LYS A 345 -9.89 17.76 28.32
N LYS A 346 -8.80 18.46 28.62
CA LYS A 346 -8.84 19.94 28.62
C LYS A 346 -9.20 20.46 27.23
N LEU A 347 -8.59 19.93 26.17
CA LEU A 347 -8.88 20.34 24.81
C LEU A 347 -10.32 20.07 24.38
N LEU A 348 -10.83 18.89 24.73
CA LEU A 348 -12.22 18.56 24.39
C LEU A 348 -13.18 19.50 25.10
N ALA A 349 -12.89 19.79 26.38
CA ALA A 349 -13.75 20.71 27.14
C ALA A 349 -13.70 22.08 26.49
N GLU A 350 -12.52 22.48 26.01
CA GLU A 350 -12.37 23.73 25.28
C GLU A 350 -13.18 23.72 23.98
N ALA A 351 -13.32 22.58 23.33
CA ALA A 351 -14.09 22.44 22.11
C ALA A 351 -15.60 22.42 22.29
N GLY A 352 -16.11 22.45 23.52
CA GLY A 352 -17.52 22.51 23.79
C GLY A 352 -18.19 21.27 24.30
N PHE A 353 -17.47 20.17 24.43
CA PHE A 353 -18.06 18.91 24.90
C PHE A 353 -18.13 18.80 26.39
N THR A 354 -19.29 18.32 26.86
CA THR A 354 -19.58 18.16 28.29
C THR A 354 -20.09 16.75 28.56
N ALA A 355 -20.48 16.46 29.79
CA ALA A 355 -20.99 15.12 30.13
C ALA A 355 -22.38 14.88 29.60
N ASP A 356 -23.20 15.92 29.45
CA ASP A 356 -24.56 15.73 28.92
C ASP A 356 -24.61 16.09 27.43
N LYS A 357 -23.48 16.53 26.91
CA LYS A 357 -23.32 16.86 25.49
C LYS A 357 -21.93 16.37 25.06
N PRO A 358 -21.73 15.07 25.12
CA PRO A 358 -20.45 14.44 24.84
C PRO A 358 -20.17 14.33 23.36
N LEU A 359 -18.97 13.87 23.05
CA LEU A 359 -18.58 13.66 21.66
C LEU A 359 -18.89 12.20 21.32
N THR A 360 -19.73 12.04 20.32
CA THR A 360 -20.14 10.73 19.84
C THR A 360 -19.89 10.69 18.33
N PHE A 361 -19.22 9.63 17.87
CA PHE A 361 -18.93 9.54 16.44
C PHE A 361 -18.72 8.10 16.03
N ASP A 362 -18.57 7.88 14.72
CA ASP A 362 -18.37 6.56 14.17
C ASP A 362 -16.92 6.19 13.98
N LEU A 363 -16.63 4.91 14.16
CA LEU A 363 -15.31 4.36 13.93
C LEU A 363 -15.53 3.26 12.86
N LEU A 364 -15.11 3.59 11.65
CA LEU A 364 -15.25 2.70 10.52
C LEU A 364 -14.02 1.82 10.34
N TYR A 365 -14.22 0.53 10.12
CA TYR A 365 -13.09 -0.37 9.89
C TYR A 365 -13.51 -1.42 8.86
N ASN A 366 -12.53 -2.00 8.18
CA ASN A 366 -12.84 -3.05 7.22
C ASN A 366 -12.88 -4.37 7.98
N THR A 367 -13.86 -5.20 7.64
CA THR A 367 -14.04 -6.49 8.27
C THR A 367 -12.74 -7.22 8.53
N SER A 368 -12.49 -7.58 9.78
CA SER A 368 -11.26 -8.23 10.18
C SER A 368 -11.25 -8.53 11.68
N ASP A 369 -10.69 -9.67 12.07
CA ASP A 369 -10.60 -10.00 13.50
C ASP A 369 -9.74 -8.97 14.20
N LEU A 370 -8.58 -8.72 13.60
CA LEU A 370 -7.61 -7.77 14.12
C LEU A 370 -8.20 -6.37 14.27
N HIS A 371 -8.81 -5.84 13.21
CA HIS A 371 -9.35 -4.48 13.28
C HIS A 371 -10.51 -4.35 14.24
N LYS A 372 -11.38 -5.36 14.28
CA LYS A 372 -12.53 -5.32 15.18
C LYS A 372 -12.05 -5.30 16.63
N LYS A 373 -11.17 -6.23 16.99
CA LYS A 373 -10.66 -6.29 18.36
C LYS A 373 -9.95 -5.01 18.75
N LEU A 374 -9.12 -4.44 17.88
CA LEU A 374 -8.45 -3.18 18.17
C LEU A 374 -9.44 -2.02 18.26
N ALA A 375 -10.44 -2.00 17.38
CA ALA A 375 -11.44 -0.92 17.42
C ALA A 375 -12.25 -0.97 18.72
N ILE A 376 -12.56 -2.18 19.18
CA ILE A 376 -13.29 -2.32 20.45
C ILE A 376 -12.43 -1.81 21.59
N ALA A 377 -11.14 -2.14 21.59
CA ALA A 377 -10.22 -1.66 22.63
C ALA A 377 -10.05 -0.16 22.57
N VAL A 378 -9.90 0.42 21.37
CA VAL A 378 -9.76 1.86 21.21
C VAL A 378 -11.02 2.58 21.66
N ALA A 379 -12.18 2.05 21.32
CA ALA A 379 -13.46 2.62 21.75
C ALA A 379 -13.48 2.68 23.28
N SER A 380 -13.10 1.58 23.91
CA SER A 380 -13.04 1.49 25.37
C SER A 380 -12.05 2.47 25.96
N ILE A 381 -10.85 2.55 25.38
CA ILE A 381 -9.81 3.47 25.85
C ILE A 381 -10.26 4.92 25.72
N TRP A 382 -10.85 5.31 24.59
CA TRP A 382 -11.32 6.67 24.41
C TRP A 382 -12.48 7.00 25.37
N LYS A 383 -13.34 6.02 25.62
CA LYS A 383 -14.47 6.23 26.54
C LYS A 383 -13.93 6.47 27.95
N LYS A 384 -13.01 5.63 28.39
CA LYS A 384 -12.41 5.71 29.71
C LYS A 384 -11.51 6.92 29.92
N ASN A 385 -10.65 7.22 28.97
CA ASN A 385 -9.70 8.30 29.07
C ASN A 385 -10.21 9.66 28.63
N LEU A 386 -11.25 9.68 27.81
CA LEU A 386 -11.74 10.96 27.31
C LEU A 386 -13.23 11.16 27.42
N GLY A 387 -14.00 10.12 27.75
CA GLY A 387 -15.45 10.23 27.87
C GLY A 387 -16.15 10.33 26.52
N VAL A 388 -15.51 9.82 25.48
CA VAL A 388 -16.02 9.85 24.12
C VAL A 388 -16.78 8.59 23.80
N ASN A 389 -17.87 8.69 23.04
CA ASN A 389 -18.64 7.49 22.70
C ASN A 389 -18.44 7.17 21.21
N VAL A 390 -17.99 5.95 20.91
CA VAL A 390 -17.76 5.62 19.50
C VAL A 390 -18.67 4.47 19.05
N ASN A 391 -19.21 4.63 17.84
CA ASN A 391 -20.06 3.60 17.25
C ASN A 391 -19.28 2.89 16.15
N LEU A 392 -18.97 1.62 16.37
CA LEU A 392 -18.21 0.83 15.42
C LEU A 392 -19.05 0.43 14.22
N GLU A 393 -18.44 0.49 13.04
CA GLU A 393 -19.10 0.09 11.80
C GLU A 393 -18.09 -0.69 10.94
N ASN A 394 -18.41 -1.90 10.53
CA ASN A 394 -17.51 -2.65 9.67
C ASN A 394 -18.04 -2.61 8.23
N GLN A 395 -17.13 -2.58 7.27
CA GLN A 395 -17.47 -2.61 5.86
C GLN A 395 -16.49 -3.54 5.15
N GLU A 396 -16.91 -4.15 4.05
CA GLU A 396 -15.96 -4.99 3.31
C GLU A 396 -14.94 -4.04 2.66
N TRP A 397 -13.74 -4.54 2.42
CA TRP A 397 -12.63 -3.76 1.87
C TRP A 397 -12.93 -2.77 0.76
N LYS A 398 -13.48 -3.24 -0.35
CA LYS A 398 -13.76 -2.35 -1.49
C LYS A 398 -14.70 -1.22 -1.12
N THR A 399 -15.77 -1.54 -0.37
CA THR A 399 -16.73 -0.54 0.08
C THR A 399 -16.07 0.43 1.05
N PHE A 400 -15.29 -0.11 1.97
CA PHE A 400 -14.55 0.68 2.96
C PHE A 400 -13.67 1.73 2.31
N LEU A 401 -12.87 1.36 1.30
CA LEU A 401 -12.02 2.35 0.64
C LEU A 401 -12.86 3.42 -0.05
N ASP A 402 -13.95 3.01 -0.69
CA ASP A 402 -14.83 3.96 -1.37
C ASP A 402 -15.41 4.95 -0.37
N THR A 403 -15.86 4.45 0.78
CA THR A 403 -16.42 5.32 1.81
C THR A 403 -15.43 6.38 2.23
N ARG A 404 -14.18 5.98 2.44
CA ARG A 404 -13.15 6.95 2.85
C ARG A 404 -12.92 8.00 1.77
N HIS A 405 -12.88 7.59 0.51
CA HIS A 405 -12.72 8.56 -0.58
C HIS A 405 -13.90 9.51 -0.64
N GLN A 406 -15.11 9.01 -0.40
CA GLN A 406 -16.29 9.83 -0.42
C GLN A 406 -16.32 10.87 0.71
N GLY A 407 -15.67 10.55 1.82
CA GLY A 407 -15.69 11.44 2.98
C GLY A 407 -16.99 11.16 3.75
N THR A 408 -17.59 9.96 3.59
CA THR A 408 -18.82 9.66 4.33
C THR A 408 -18.49 8.92 5.63
N PHE A 409 -17.67 9.61 6.45
CA PHE A 409 -17.20 9.08 7.69
C PHE A 409 -16.68 10.13 8.67
N ASP A 410 -16.45 9.65 9.90
CA ASP A 410 -15.92 10.45 10.99
C ASP A 410 -14.45 10.06 11.19
N VAL A 411 -14.25 8.85 11.72
CA VAL A 411 -12.93 8.28 11.95
C VAL A 411 -12.90 6.89 11.33
N ALA A 412 -11.78 6.52 10.71
CA ALA A 412 -11.63 5.23 10.09
C ALA A 412 -10.28 4.59 10.42
N ARG A 413 -10.29 3.28 10.60
CA ARG A 413 -9.06 2.51 10.81
C ARG A 413 -8.28 2.67 9.49
N ALA A 414 -7.00 2.93 9.52
CA ALA A 414 -6.24 3.10 8.29
C ALA A 414 -4.86 2.49 8.43
N GLY A 415 -4.28 2.15 7.29
CA GLY A 415 -2.94 1.59 7.25
C GLY A 415 -2.34 1.91 5.89
N TRP A 416 -1.30 2.73 5.87
CA TRP A 416 -0.67 3.03 4.58
C TRP A 416 0.67 2.28 4.54
N CYS A 417 0.92 1.60 3.46
CA CYS A 417 2.20 0.92 3.23
C CYS A 417 2.93 1.64 2.09
N ALA A 418 4.23 1.82 2.25
CA ALA A 418 5.03 2.51 1.26
C ALA A 418 4.91 1.85 -0.12
N ASP A 419 4.98 2.69 -1.16
CA ASP A 419 4.94 2.23 -2.54
C ASP A 419 6.37 2.18 -3.10
N TYR A 420 7.19 3.03 -2.51
CA TYR A 420 8.62 3.12 -2.81
C TYR A 420 9.28 3.55 -1.48
N ASN A 421 10.52 3.13 -1.25
CA ASN A 421 11.16 3.43 0.03
C ASN A 421 11.80 4.80 0.08
N GLU A 422 10.98 5.79 0.36
CA GLU A 422 11.38 7.21 0.46
C GLU A 422 10.22 7.90 1.15
N PRO A 423 10.46 8.83 2.03
CA PRO A 423 9.43 9.49 2.81
C PRO A 423 8.28 10.08 2.03
N THR A 424 8.50 10.57 0.80
CA THR A 424 7.41 11.13 0.00
C THR A 424 6.38 10.07 -0.36
N SER A 425 6.72 8.79 -0.32
CA SER A 425 5.73 7.74 -0.60
C SER A 425 4.57 7.83 0.39
N PHE A 426 4.86 8.27 1.62
CA PHE A 426 3.89 8.55 2.64
C PHE A 426 3.39 9.99 2.56
N LEU A 427 4.32 10.94 2.67
CA LEU A 427 4.00 12.36 2.72
C LEU A 427 3.21 12.90 1.56
N ASN A 428 3.42 12.41 0.34
CA ASN A 428 2.67 12.87 -0.82
C ASN A 428 1.18 12.61 -0.73
N THR A 429 0.75 11.61 0.03
CA THR A 429 -0.66 11.27 0.17
C THR A 429 -1.44 12.27 1.02
N MET A 430 -0.77 13.17 1.73
CA MET A 430 -1.40 14.19 2.54
C MET A 430 -1.41 15.55 1.81
N LEU A 431 -0.87 15.59 0.62
CA LEU A 431 -0.90 16.81 -0.21
C LEU A 431 -2.36 17.17 -0.44
N SER A 432 -2.73 18.44 -0.42
CA SER A 432 -4.11 18.86 -0.58
C SER A 432 -4.84 18.23 -1.76
N ASP A 433 -4.18 18.11 -2.90
CA ASP A 433 -4.77 17.57 -4.10
C ASP A 433 -4.47 16.11 -4.38
N SER A 434 -3.85 15.39 -3.46
CA SER A 434 -3.53 13.98 -3.73
C SER A 434 -4.76 13.10 -3.89
N SER A 435 -4.76 12.24 -4.90
CA SER A 435 -5.84 11.28 -5.11
C SER A 435 -5.90 10.23 -4.00
N ASN A 436 -4.84 10.07 -3.21
CA ASN A 436 -4.77 9.15 -2.10
C ASN A 436 -5.13 9.82 -0.78
N ASN A 437 -5.49 11.09 -0.78
CA ASN A 437 -5.80 11.81 0.44
C ASN A 437 -7.21 11.56 0.95
N THR A 438 -7.37 10.45 1.68
CA THR A 438 -8.64 10.07 2.29
C THR A 438 -8.81 10.72 3.65
N ALA A 439 -7.79 11.43 4.14
CA ALA A 439 -7.90 12.16 5.41
C ALA A 439 -8.65 13.47 5.14
N HIS A 440 -8.68 13.87 3.86
CA HIS A 440 -9.31 15.11 3.42
C HIS A 440 -8.64 16.27 4.14
N TYR A 441 -7.31 16.15 4.22
CA TYR A 441 -6.44 17.11 4.86
C TYR A 441 -5.88 18.07 3.80
N LYS A 442 -6.02 19.36 4.08
CA LYS A 442 -5.56 20.39 3.16
C LYS A 442 -4.79 21.47 3.93
N SER A 443 -3.48 21.45 3.80
CA SER A 443 -2.62 22.43 4.46
C SER A 443 -1.61 23.01 3.50
N PRO A 444 -1.76 24.29 3.20
CA PRO A 444 -0.86 25.03 2.32
C PRO A 444 0.57 24.95 2.84
N ALA A 445 0.74 25.05 4.15
CA ALA A 445 2.05 24.95 4.79
C ALA A 445 2.68 23.59 4.52
N PHE A 446 1.91 22.52 4.77
CA PHE A 446 2.40 21.17 4.51
C PHE A 446 2.78 21.01 3.05
N ASP A 447 1.87 21.43 2.16
CA ASP A 447 2.10 21.34 0.73
C ASP A 447 3.40 22.01 0.31
N LYS A 448 3.64 23.21 0.83
CA LYS A 448 4.86 23.96 0.52
C LYS A 448 6.11 23.22 0.97
N LEU A 449 6.12 22.68 2.19
CA LEU A 449 7.27 21.93 2.68
C LEU A 449 7.64 20.79 1.75
N ILE A 450 6.67 20.02 1.25
CA ILE A 450 6.95 18.92 0.35
C ILE A 450 7.42 19.45 -1.01
N ALA A 451 6.81 20.53 -1.47
CA ALA A 451 7.20 21.15 -2.75
C ALA A 451 8.68 21.51 -2.75
N ASP A 452 9.15 22.03 -1.62
CA ASP A 452 10.53 22.40 -1.42
C ASP A 452 11.52 21.25 -1.41
N THR A 453 11.11 20.03 -1.17
CA THR A 453 12.02 18.90 -1.12
C THR A 453 12.74 18.63 -2.42
N LEU A 454 12.15 18.95 -3.57
CA LEU A 454 12.82 18.72 -4.86
C LEU A 454 13.43 20.00 -5.41
N LYS A 455 13.43 21.06 -4.62
CA LYS A 455 14.01 22.34 -4.99
C LYS A 455 15.41 22.47 -4.36
N VAL A 456 15.74 21.55 -3.48
CA VAL A 456 17.06 21.48 -2.83
C VAL A 456 17.79 20.31 -3.52
N ALA A 457 19.11 20.30 -3.55
CA ALA A 457 19.80 19.22 -4.24
C ALA A 457 20.65 18.36 -3.31
N ASP A 458 20.21 18.19 -2.07
CA ASP A 458 20.95 17.33 -1.14
C ASP A 458 19.96 16.66 -0.18
N ASP A 459 20.31 15.44 0.22
CA ASP A 459 19.52 14.63 1.12
C ASP A 459 19.35 15.20 2.51
N THR A 460 20.31 15.95 3.03
CA THR A 460 20.19 16.51 4.38
C THR A 460 19.08 17.54 4.48
N GLN A 461 19.02 18.44 3.50
CA GLN A 461 17.98 19.48 3.48
C GLN A 461 16.63 18.83 3.23
N ARG A 462 16.63 17.83 2.35
CA ARG A 462 15.42 17.07 2.01
C ARG A 462 14.88 16.38 3.25
N SER A 463 15.76 15.67 3.99
CA SER A 463 15.36 14.98 5.20
C SER A 463 14.84 15.90 6.28
N GLU A 464 15.41 17.10 6.38
CA GLU A 464 14.96 18.07 7.37
C GLU A 464 13.57 18.58 6.99
N LEU A 465 13.33 18.71 5.69
CA LEU A 465 12.02 19.14 5.20
C LEU A 465 10.97 18.06 5.47
N TYR A 466 11.34 16.79 5.31
CA TYR A 466 10.41 15.70 5.63
C TYR A 466 10.07 15.70 7.11
N ALA A 467 11.08 15.94 7.97
CA ALA A 467 10.87 16.03 9.40
C ALA A 467 9.92 17.16 9.74
N LYS A 468 10.12 18.33 9.12
CA LYS A 468 9.23 19.47 9.34
C LYS A 468 7.82 19.19 8.85
N ALA A 469 7.68 18.47 7.74
CA ALA A 469 6.36 18.12 7.21
C ALA A 469 5.62 17.22 8.19
N GLU A 470 6.32 16.24 8.79
CA GLU A 470 5.69 15.40 9.80
C GLU A 470 5.28 16.24 11.00
N GLN A 471 6.14 17.21 11.36
CA GLN A 471 5.82 18.10 12.48
C GLN A 471 4.56 18.92 12.19
N GLN A 472 4.42 19.37 10.95
CA GLN A 472 3.23 20.12 10.55
C GLN A 472 1.98 19.24 10.67
N LEU A 473 2.10 18.02 10.16
CA LEU A 473 0.99 17.05 10.23
C LEU A 473 0.57 16.81 11.68
N ASP A 474 1.57 16.60 12.53
CA ASP A 474 1.37 16.34 13.95
C ASP A 474 0.79 17.56 14.66
N LYS A 475 1.27 18.74 14.30
CA LYS A 475 0.81 20.01 14.86
C LYS A 475 -0.69 20.16 14.61
N ASP A 476 -1.11 19.80 13.39
CA ASP A 476 -2.50 19.84 13.01
C ASP A 476 -3.28 18.60 13.43
N SER A 477 -2.61 17.61 14.01
CA SER A 477 -3.24 16.35 14.39
C SER A 477 -4.12 15.86 13.24
N ALA A 478 -3.50 15.71 12.06
CA ALA A 478 -4.23 15.24 10.89
C ALA A 478 -4.72 13.82 11.09
N ILE A 479 -3.90 12.99 11.75
CA ILE A 479 -4.20 11.60 12.00
C ILE A 479 -3.93 11.20 13.44
N VAL A 480 -4.30 9.97 13.78
CA VAL A 480 -4.02 9.42 15.11
C VAL A 480 -3.09 8.21 14.89
N PRO A 481 -1.80 8.44 14.91
CA PRO A 481 -0.82 7.36 14.73
C PRO A 481 -1.00 6.33 15.83
N VAL A 482 -0.98 5.04 15.49
CA VAL A 482 -1.13 4.00 16.49
C VAL A 482 0.14 3.17 16.61
N TYR A 483 0.56 2.50 15.55
CA TYR A 483 1.78 1.71 15.61
C TYR A 483 2.36 1.51 14.21
N TYR A 484 3.64 1.19 14.17
CA TYR A 484 4.33 0.87 12.91
C TYR A 484 4.21 -0.64 12.79
N TYR A 485 3.66 -1.11 11.68
CA TYR A 485 3.46 -2.52 11.47
C TYR A 485 4.80 -3.27 11.36
N VAL A 486 4.68 -4.57 11.60
CA VAL A 486 5.73 -5.53 11.37
C VAL A 486 5.08 -6.50 10.35
N ASN A 487 5.88 -7.07 9.48
CA ASN A 487 5.31 -8.00 8.49
C ASN A 487 5.34 -9.40 9.09
N ALA A 488 4.24 -9.74 9.75
CA ALA A 488 4.11 -11.04 10.41
C ALA A 488 3.13 -11.93 9.65
N ARG A 489 3.58 -13.12 9.30
CA ARG A 489 2.74 -14.06 8.55
C ARG A 489 3.26 -15.47 8.75
N LEU A 490 2.43 -16.45 8.42
CA LEU A 490 2.85 -17.85 8.53
C LEU A 490 3.22 -18.33 7.13
N VAL A 491 4.35 -18.98 6.99
CA VAL A 491 4.82 -19.51 5.71
C VAL A 491 5.22 -20.97 5.92
N LYS A 492 4.58 -21.89 5.21
CA LYS A 492 4.90 -23.31 5.39
C LYS A 492 6.37 -23.54 5.15
N PRO A 493 6.94 -24.52 5.83
CA PRO A 493 8.34 -24.87 5.72
C PRO A 493 8.81 -25.19 4.32
N TRP A 494 7.94 -25.70 3.46
CA TRP A 494 8.23 -26.07 2.10
C TRP A 494 8.13 -24.92 1.10
N VAL A 495 7.75 -23.73 1.55
CA VAL A 495 7.71 -22.60 0.62
C VAL A 495 9.08 -21.91 0.61
N GLY A 496 9.78 -22.02 -0.51
CA GLY A 496 11.10 -21.38 -0.62
C GLY A 496 10.99 -20.08 -1.43
N GLY A 497 11.99 -19.21 -1.28
CA GLY A 497 12.06 -17.98 -2.01
C GLY A 497 11.57 -16.74 -1.29
N TYR A 498 10.93 -16.91 -0.14
CA TYR A 498 10.44 -15.76 0.63
C TYR A 498 11.49 -15.37 1.67
N THR A 499 12.20 -14.29 1.41
CA THR A 499 13.26 -13.82 2.30
C THR A 499 12.74 -12.96 3.43
N GLY A 500 11.76 -12.11 3.16
CA GLY A 500 11.23 -11.19 4.17
C GLY A 500 12.16 -9.99 4.32
N LYS A 501 13.15 -9.84 3.45
CA LYS A 501 14.10 -8.75 3.47
C LYS A 501 13.55 -7.46 2.86
N ASP A 502 12.51 -7.58 2.06
CA ASP A 502 11.89 -6.44 1.41
C ASP A 502 10.89 -5.80 2.35
N PRO A 503 11.18 -4.59 2.80
CA PRO A 503 10.34 -3.83 3.72
C PRO A 503 9.04 -3.37 3.09
N LEU A 504 8.91 -3.49 1.78
CA LEU A 504 7.70 -3.16 1.05
C LEU A 504 6.89 -4.43 0.77
N ASP A 505 7.48 -5.61 1.02
CA ASP A 505 6.82 -6.88 0.81
C ASP A 505 6.24 -7.03 -0.60
N ASN A 506 7.05 -6.71 -1.61
CA ASN A 506 6.65 -6.82 -3.01
C ASN A 506 6.98 -8.21 -3.54
N ILE A 507 6.20 -9.18 -3.07
CA ILE A 507 6.37 -10.57 -3.44
C ILE A 507 5.87 -10.85 -4.85
N TYR A 508 6.63 -11.69 -5.55
CA TYR A 508 6.31 -12.17 -6.86
C TYR A 508 6.29 -13.71 -6.75
N VAL A 509 5.19 -14.34 -7.09
CA VAL A 509 5.13 -15.81 -7.02
C VAL A 509 6.12 -16.47 -7.95
N LYS A 510 6.57 -15.79 -9.01
CA LYS A 510 7.58 -16.30 -9.91
C LYS A 510 8.92 -16.57 -9.23
N ASN A 511 9.16 -15.97 -8.06
CA ASN A 511 10.36 -16.14 -7.28
C ASN A 511 10.27 -17.25 -6.23
N LEU A 512 9.09 -17.83 -6.05
CA LEU A 512 8.91 -18.88 -5.06
C LEU A 512 9.00 -20.28 -5.63
N TYR A 513 9.12 -21.28 -4.74
CA TYR A 513 9.19 -22.67 -5.17
C TYR A 513 8.77 -23.59 -4.02
N ILE A 514 8.27 -24.78 -4.39
CA ILE A 514 7.83 -25.73 -3.39
C ILE A 514 8.88 -26.83 -3.21
N ILE A 515 9.36 -26.95 -1.99
CA ILE A 515 10.35 -27.96 -1.65
C ILE A 515 9.65 -29.28 -1.35
N LYS A 516 10.21 -30.39 -1.79
CA LYS A 516 9.61 -31.71 -1.54
C LYS A 516 9.34 -31.89 -0.05
N HIS A 517 8.14 -32.29 0.33
CA HIS A 517 7.81 -32.48 1.73
C HIS A 517 6.77 -33.58 1.92
N LYS B 1 0.21 2.28 -0.68
CA LYS B 1 -1.01 1.44 -0.92
C LYS B 1 -1.71 1.16 0.39
N TRP B 2 -3.04 1.06 0.37
CA TRP B 2 -3.80 0.83 1.61
C TRP B 2 -3.71 -0.63 2.05
N LYS B 3 -3.58 -0.80 3.38
CA LYS B 3 -3.53 -2.11 3.98
C LYS B 3 -4.59 -2.24 5.08
#